data_7QSQ
#
_entry.id   7QSQ
#
_cell.length_a   55.370
_cell.length_b   62.770
_cell.length_c   76.260
_cell.angle_alpha   90.000
_cell.angle_beta   102.090
_cell.angle_gamma   90.000
#
_symmetry.space_group_name_H-M   'P 1 21 1'
#
loop_
_entity.id
_entity.type
_entity.pdbx_description
1 polymer 'Ribose ABC transporter, periplasmic ribose-binding protein'
2 non-polymer 'SULFATE ION'
3 non-polymer 1,2-ETHANEDIOL
4 non-polymer 'TRIETHYLENE GLYCOL'
5 water water
#
_entity_poly.entity_id   1
_entity_poly.type   'polypeptide(L)'
_entity_poly.pdbx_seq_one_letter_code
;MKGKMAIVISTLNNPWFVVLAETAKQRAEQLGYEATIFDSQNDTAKESAHFDAIIAAGYDAIIFNPTDADGSIANVKRAK
EAGIPVFCVDRGINARGLAVAQIYSDTSTQFPKLMARLAVEWADQYLRGGLEHHHHHH
;
_entity_poly.pdbx_strand_id   A,C,B,D
#
# COMPACT_ATOMS: atom_id res chain seq x y z
N LYS A 2 -17.96 -26.32 -19.21
CA LYS A 2 -18.02 -25.03 -18.53
C LYS A 2 -17.81 -25.18 -17.03
N GLY A 3 -18.15 -24.15 -16.28
CA GLY A 3 -17.94 -24.16 -14.85
C GLY A 3 -18.50 -22.90 -14.21
N LYS A 4 -18.18 -22.74 -12.93
CA LYS A 4 -18.81 -21.69 -12.13
C LYS A 4 -17.79 -21.19 -11.12
N MET A 5 -17.48 -19.89 -11.15
CA MET A 5 -16.51 -19.32 -10.22
C MET A 5 -17.16 -18.31 -9.27
N ALA A 6 -16.70 -18.35 -8.02
CA ALA A 6 -17.10 -17.40 -7.00
C ALA A 6 -16.06 -16.30 -6.89
N ILE A 7 -16.51 -15.05 -6.96
CA ILE A 7 -15.65 -13.88 -6.87
CA ILE A 7 -15.64 -13.90 -6.86
C ILE A 7 -15.92 -13.24 -5.51
N VAL A 8 -15.02 -13.43 -4.56
CA VAL A 8 -15.17 -12.91 -3.22
C VAL A 8 -14.35 -11.62 -3.11
N ILE A 9 -15.02 -10.50 -2.93
CA ILE A 9 -14.38 -9.19 -2.90
C ILE A 9 -14.46 -8.64 -1.49
N SER A 10 -13.38 -7.98 -1.05
CA SER A 10 -13.35 -7.49 0.33
C SER A 10 -14.33 -6.33 0.54
N THR A 11 -14.61 -5.56 -0.51
CA THR A 11 -15.52 -4.43 -0.37
C THR A 11 -15.95 -3.97 -1.76
N LEU A 12 -17.14 -3.40 -1.83
CA LEU A 12 -17.58 -2.71 -3.04
C LEU A 12 -17.75 -1.21 -2.80
N ASN A 13 -17.01 -0.67 -1.84
CA ASN A 13 -17.10 0.75 -1.48
C ASN A 13 -15.81 1.50 -1.83
N ASN A 14 -14.98 0.93 -2.70
CA ASN A 14 -13.73 1.50 -3.16
C ASN A 14 -13.58 1.19 -4.64
N PRO A 15 -13.18 2.18 -5.45
CA PRO A 15 -13.18 1.96 -6.91
C PRO A 15 -12.29 0.84 -7.38
N TRP A 16 -11.08 0.71 -6.79
CA TRP A 16 -10.16 -0.33 -7.22
C TRP A 16 -10.79 -1.72 -7.08
N PHE A 17 -11.50 -1.96 -5.98
CA PHE A 17 -12.11 -3.26 -5.74
C PHE A 17 -13.35 -3.48 -6.60
N VAL A 18 -14.12 -2.42 -6.87
CA VAL A 18 -15.28 -2.54 -7.74
C VAL A 18 -14.82 -2.92 -9.15
N VAL A 19 -13.77 -2.26 -9.65
CA VAL A 19 -13.26 -2.57 -10.97
C VAL A 19 -12.67 -3.98 -11.00
N LEU A 20 -11.97 -4.36 -9.92
CA LEU A 20 -11.44 -5.73 -9.84
C LEU A 20 -12.54 -6.76 -9.97
N ALA A 21 -13.62 -6.60 -9.20
CA ALA A 21 -14.70 -7.59 -9.19
C ALA A 21 -15.45 -7.61 -10.53
N GLU A 22 -15.75 -6.44 -11.08
CA GLU A 22 -16.44 -6.36 -12.36
C GLU A 22 -15.64 -7.01 -13.47
N THR A 23 -14.32 -6.77 -13.49
CA THR A 23 -13.49 -7.33 -14.55
C THR A 23 -13.36 -8.83 -14.40
N ALA A 24 -13.25 -9.32 -13.17
CA ALA A 24 -13.16 -10.76 -12.94
C ALA A 24 -14.42 -11.46 -13.40
N LYS A 25 -15.60 -10.88 -13.14
CA LYS A 25 -16.84 -11.47 -13.61
C LYS A 25 -16.90 -11.49 -15.13
N GLN A 26 -16.50 -10.39 -15.77
CA GLN A 26 -16.52 -10.32 -17.23
C GLN A 26 -15.56 -11.35 -17.84
N ARG A 27 -14.34 -11.43 -17.29
CA ARG A 27 -13.36 -12.35 -17.85
C ARG A 27 -13.81 -13.79 -17.69
N ALA A 28 -14.38 -14.13 -16.54
CA ALA A 28 -14.91 -15.48 -16.35
C ALA A 28 -15.96 -15.80 -17.40
N GLU A 29 -16.86 -14.84 -17.67
CA GLU A 29 -17.89 -15.08 -18.68
C GLU A 29 -17.29 -15.19 -20.07
N GLN A 30 -16.29 -14.37 -20.38
CA GLN A 30 -15.64 -14.46 -21.70
C GLN A 30 -14.99 -15.82 -21.91
N LEU A 31 -14.46 -16.41 -20.83
CA LEU A 31 -13.80 -17.71 -20.91
C LEU A 31 -14.78 -18.87 -20.77
N GLY A 32 -16.07 -18.60 -20.67
CA GLY A 32 -17.08 -19.64 -20.69
C GLY A 32 -17.58 -20.13 -19.35
N TYR A 33 -17.38 -19.35 -18.28
CA TYR A 33 -17.83 -19.72 -16.94
C TYR A 33 -18.99 -18.83 -16.53
N GLU A 34 -19.81 -19.35 -15.60
CA GLU A 34 -20.73 -18.51 -14.85
C GLU A 34 -20.02 -18.00 -13.61
N ALA A 35 -20.32 -16.76 -13.21
CA ALA A 35 -19.59 -16.12 -12.14
C ALA A 35 -20.55 -15.36 -11.22
N THR A 36 -20.26 -15.40 -9.92
CA THR A 36 -21.07 -14.72 -8.92
C THR A 36 -20.16 -13.95 -7.96
N ILE A 37 -20.56 -12.72 -7.63
CA ILE A 37 -19.79 -11.84 -6.77
C ILE A 37 -20.36 -11.88 -5.36
N PHE A 38 -19.47 -12.00 -4.37
CA PHE A 38 -19.82 -11.99 -2.96
C PHE A 38 -19.06 -10.84 -2.30
N ASP A 39 -19.80 -9.87 -1.78
CA ASP A 39 -19.21 -8.67 -1.18
C ASP A 39 -19.05 -8.90 0.33
N SER A 40 -17.80 -8.93 0.80
CA SER A 40 -17.54 -9.17 2.22
C SER A 40 -17.76 -7.92 3.08
N GLN A 41 -17.84 -6.74 2.46
CA GLN A 41 -18.11 -5.49 3.16
C GLN A 41 -17.17 -5.29 4.35
N ASN A 42 -15.89 -5.62 4.14
CA ASN A 42 -14.83 -5.45 5.15
C ASN A 42 -15.16 -6.15 6.47
N ASP A 43 -15.92 -7.24 6.39
CA ASP A 43 -16.40 -7.95 7.58
C ASP A 43 -15.93 -9.39 7.48
N THR A 44 -15.07 -9.79 8.41
CA THR A 44 -14.54 -11.16 8.39
C THR A 44 -15.65 -12.18 8.59
N ALA A 45 -16.69 -11.82 9.34
CA ALA A 45 -17.83 -12.72 9.50
C ALA A 45 -18.56 -12.94 8.18
N LYS A 46 -18.77 -11.86 7.42
CA LYS A 46 -19.46 -12.01 6.14
C LYS A 46 -18.59 -12.74 5.13
N GLU A 47 -17.28 -12.47 5.12
CA GLU A 47 -16.38 -13.24 4.28
C GLU A 47 -16.48 -14.72 4.60
N SER A 48 -16.46 -15.07 5.89
CA SER A 48 -16.55 -16.48 6.28
C SER A 48 -17.90 -17.06 5.89
N ALA A 49 -18.99 -16.30 6.08
CA ALA A 49 -20.30 -16.77 5.68
C ALA A 49 -20.39 -16.96 4.17
N HIS A 50 -19.69 -16.12 3.40
CA HIS A 50 -19.63 -16.31 1.95
C HIS A 50 -18.97 -17.64 1.61
N PHE A 51 -17.86 -17.97 2.27
CA PHE A 51 -17.21 -19.25 2.04
C PHE A 51 -18.11 -20.40 2.46
N ASP A 52 -18.94 -20.20 3.48
CA ASP A 52 -19.91 -21.22 3.87
C ASP A 52 -20.84 -21.55 2.71
N ALA A 53 -21.41 -20.52 2.09
CA ALA A 53 -22.37 -20.75 1.01
C ALA A 53 -21.67 -21.22 -0.26
N ILE A 54 -20.43 -20.79 -0.50
CA ILE A 54 -19.70 -21.19 -1.69
C ILE A 54 -19.33 -22.67 -1.62
N ILE A 55 -18.90 -23.13 -0.45
CA ILE A 55 -18.57 -24.55 -0.30
C ILE A 55 -19.83 -25.41 -0.44
N ALA A 56 -20.94 -24.96 0.14
CA ALA A 56 -22.17 -25.72 0.03
C ALA A 56 -22.69 -25.78 -1.40
N ALA A 57 -22.47 -24.72 -2.18
CA ALA A 57 -22.98 -24.66 -3.55
C ALA A 57 -22.10 -25.37 -4.56
N GLY A 58 -20.92 -25.81 -4.18
CA GLY A 58 -20.07 -26.57 -5.09
C GLY A 58 -19.40 -25.77 -6.19
N TYR A 59 -18.98 -24.56 -5.89
CA TYR A 59 -18.27 -23.73 -6.87
C TYR A 59 -16.98 -24.43 -7.31
N ASP A 60 -16.60 -24.22 -8.58
CA ASP A 60 -15.44 -24.89 -9.13
C ASP A 60 -14.13 -24.15 -8.83
N ALA A 61 -14.17 -22.84 -8.73
CA ALA A 61 -12.99 -22.07 -8.34
C ALA A 61 -13.43 -20.81 -7.63
N ILE A 62 -12.54 -20.27 -6.80
CA ILE A 62 -12.78 -19.04 -6.05
C ILE A 62 -11.70 -18.04 -6.44
N ILE A 63 -12.14 -16.85 -6.87
CA ILE A 63 -11.26 -15.70 -7.03
C ILE A 63 -11.41 -14.87 -5.76
N PHE A 64 -10.33 -14.76 -4.99
CA PHE A 64 -10.43 -14.33 -3.59
C PHE A 64 -9.62 -13.06 -3.36
N ASN A 65 -10.30 -11.98 -3.00
CA ASN A 65 -9.67 -10.78 -2.48
C ASN A 65 -9.96 -10.70 -0.98
N PRO A 66 -9.00 -11.01 -0.12
CA PRO A 66 -9.29 -11.17 1.31
C PRO A 66 -9.47 -9.85 2.03
N THR A 67 -10.23 -9.91 3.15
CA THR A 67 -10.37 -8.73 4.00
C THR A 67 -9.20 -8.58 4.96
N ASP A 68 -8.61 -9.70 5.42
CA ASP A 68 -7.59 -9.67 6.44
C ASP A 68 -6.50 -10.67 6.08
N ALA A 69 -5.34 -10.56 6.75
CA ALA A 69 -4.23 -11.45 6.45
C ALA A 69 -4.36 -12.79 7.15
N ASP A 70 -4.67 -12.77 8.45
CA ASP A 70 -4.72 -14.00 9.23
C ASP A 70 -6.05 -14.72 9.09
N GLY A 71 -7.15 -14.01 9.36
CA GLY A 71 -8.45 -14.67 9.37
C GLY A 71 -8.87 -15.20 8.02
N SER A 72 -8.43 -14.56 6.93
CA SER A 72 -8.85 -14.98 5.60
C SER A 72 -8.09 -16.21 5.13
N ILE A 73 -6.87 -16.43 5.65
CA ILE A 73 -6.13 -17.63 5.30
C ILE A 73 -6.87 -18.87 5.77
N ALA A 74 -7.61 -18.76 6.88
CA ALA A 74 -8.40 -19.89 7.35
C ALA A 74 -9.49 -20.26 6.34
N ASN A 75 -10.03 -19.28 5.62
CA ASN A 75 -11.02 -19.58 4.58
C ASN A 75 -10.39 -20.28 3.38
N VAL A 76 -9.13 -19.95 3.06
CA VAL A 76 -8.44 -20.65 2.00
C VAL A 76 -8.25 -22.12 2.38
N LYS A 77 -8.02 -22.39 3.67
CA LYS A 77 -7.90 -23.77 4.13
C LYS A 77 -9.21 -24.53 3.95
N ARG A 78 -10.33 -23.92 4.35
CA ARG A 78 -11.62 -24.60 4.24
C ARG A 78 -11.95 -24.94 2.79
N ALA A 79 -11.65 -24.02 1.86
CA ALA A 79 -11.88 -24.30 0.46
C ALA A 79 -11.01 -25.46 -0.02
N LYS A 80 -9.72 -25.43 0.33
CA LYS A 80 -8.83 -26.54 0.00
C LYS A 80 -9.33 -27.84 0.62
N GLU A 81 -9.78 -27.77 1.88
CA GLU A 81 -10.36 -28.96 2.51
C GLU A 81 -11.58 -29.46 1.77
N ALA A 82 -12.33 -28.56 1.12
CA ALA A 82 -13.48 -28.95 0.31
C ALA A 82 -13.11 -29.23 -1.14
N GLY A 83 -11.83 -29.18 -1.48
CA GLY A 83 -11.40 -29.47 -2.84
C GLY A 83 -11.64 -28.36 -3.84
N ILE A 84 -11.76 -27.12 -3.39
CA ILE A 84 -12.00 -25.98 -4.26
C ILE A 84 -10.71 -25.17 -4.37
N PRO A 85 -10.15 -25.00 -5.56
CA PRO A 85 -8.91 -24.22 -5.68
C PRO A 85 -9.20 -22.73 -5.53
N VAL A 86 -8.26 -22.03 -4.90
CA VAL A 86 -8.42 -20.61 -4.61
C VAL A 86 -7.32 -19.84 -5.32
N PHE A 87 -7.71 -18.75 -5.97
CA PHE A 87 -6.78 -17.85 -6.65
C PHE A 87 -6.97 -16.46 -6.08
N CYS A 88 -6.01 -16.03 -5.28
CA CYS A 88 -6.13 -14.81 -4.51
C CYS A 88 -5.47 -13.65 -5.26
N VAL A 89 -6.07 -12.48 -5.14
CA VAL A 89 -5.54 -11.27 -5.73
CA VAL A 89 -5.54 -11.26 -5.74
C VAL A 89 -5.68 -10.14 -4.71
N ASP A 90 -4.59 -9.43 -4.46
CA ASP A 90 -4.60 -8.41 -3.42
C ASP A 90 -3.46 -7.44 -3.67
N ARG A 91 -3.43 -6.39 -2.86
CA ARG A 91 -2.27 -5.49 -2.80
CA ARG A 91 -2.31 -5.44 -2.80
C ARG A 91 -1.95 -5.19 -1.35
N GLY A 92 -0.65 -5.12 -1.06
CA GLY A 92 -0.17 -4.88 0.29
C GLY A 92 0.97 -3.88 0.29
N ILE A 93 1.46 -3.61 1.51
CA ILE A 93 2.60 -2.72 1.72
C ILE A 93 3.72 -3.56 2.34
N ASN A 94 4.85 -3.62 1.66
CA ASN A 94 5.93 -4.49 2.11
C ASN A 94 6.75 -3.80 3.20
N ALA A 95 7.77 -4.51 3.71
CA ALA A 95 8.55 -4.01 4.84
C ALA A 95 9.25 -2.71 4.51
N ARG A 96 9.67 -2.52 3.26
CA ARG A 96 10.25 -1.25 2.84
C ARG A 96 9.20 -0.17 2.62
N GLY A 97 7.93 -0.45 2.90
CA GLY A 97 6.90 0.55 2.75
C GLY A 97 6.43 0.79 1.33
N LEU A 98 6.52 -0.21 0.47
CA LEU A 98 6.14 -0.08 -0.92
C LEU A 98 4.88 -0.90 -1.20
N ALA A 99 4.00 -0.35 -2.04
CA ALA A 99 2.82 -1.09 -2.45
C ALA A 99 3.21 -2.18 -3.44
N VAL A 100 2.63 -3.36 -3.27
CA VAL A 100 2.94 -4.53 -4.08
CA VAL A 100 2.94 -4.53 -4.08
C VAL A 100 1.64 -5.20 -4.50
N ALA A 101 1.58 -5.62 -5.76
CA ALA A 101 0.43 -6.36 -6.30
C ALA A 101 0.72 -7.84 -6.19
N GLN A 102 -0.26 -8.61 -5.70
CA GLN A 102 -0.05 -10.03 -5.39
C GLN A 102 -1.11 -10.90 -6.02
N ILE A 103 -0.67 -12.00 -6.63
CA ILE A 103 -1.57 -13.06 -7.07
C ILE A 103 -0.99 -14.37 -6.54
N TYR A 104 -1.80 -15.12 -5.79
CA TYR A 104 -1.28 -16.32 -5.16
C TYR A 104 -2.38 -17.36 -5.04
N SER A 105 -1.97 -18.59 -4.75
CA SER A 105 -2.88 -19.72 -4.81
C SER A 105 -2.36 -20.85 -3.94
N ASP A 106 -3.28 -21.69 -3.47
CA ASP A 106 -2.91 -22.95 -2.86
C ASP A 106 -2.41 -23.96 -3.89
N THR A 107 -2.67 -23.73 -5.17
CA THR A 107 -2.16 -24.56 -6.25
C THR A 107 -0.75 -24.11 -6.65
N SER A 108 -0.12 -24.91 -7.50
CA SER A 108 1.24 -24.70 -8.02
C SER A 108 2.32 -24.79 -6.93
N THR A 109 1.99 -25.30 -5.73
CA THR A 109 3.04 -25.46 -4.73
C THR A 109 3.88 -26.70 -4.95
N GLN A 110 3.43 -27.64 -5.80
CA GLN A 110 4.17 -28.84 -6.12
C GLN A 110 4.65 -28.89 -7.56
N PHE A 111 3.87 -28.35 -8.50
CA PHE A 111 4.18 -28.41 -9.92
C PHE A 111 3.79 -27.06 -10.50
N PRO A 112 4.71 -26.12 -10.57
CA PRO A 112 4.33 -24.71 -10.80
C PRO A 112 4.25 -24.31 -12.27
N LYS A 113 3.88 -25.24 -13.15
CA LYS A 113 3.79 -24.91 -14.57
C LYS A 113 2.83 -23.75 -14.81
N LEU A 114 1.63 -23.82 -14.24
CA LEU A 114 0.62 -22.79 -14.50
C LEU A 114 1.03 -21.44 -13.93
N MET A 115 1.59 -21.43 -12.72
CA MET A 115 2.01 -20.14 -12.15
CA MET A 115 2.02 -20.15 -12.14
C MET A 115 3.15 -19.55 -12.95
N ALA A 116 4.09 -20.38 -13.41
CA ALA A 116 5.20 -19.90 -14.21
C ALA A 116 4.69 -19.20 -15.47
N ARG A 117 3.75 -19.84 -16.18
CA ARG A 117 3.19 -19.23 -17.38
CA ARG A 117 3.20 -19.23 -17.39
C ARG A 117 2.48 -17.92 -17.06
N LEU A 118 1.74 -17.88 -15.95
CA LEU A 118 0.99 -16.68 -15.61
C LEU A 118 1.93 -15.51 -15.29
N ALA A 119 3.05 -15.78 -14.62
CA ALA A 119 4.02 -14.73 -14.34
C ALA A 119 4.56 -14.13 -15.64
N VAL A 120 4.83 -14.96 -16.63
CA VAL A 120 5.33 -14.47 -17.91
C VAL A 120 4.24 -13.69 -18.64
N GLU A 121 3.00 -14.18 -18.57
CA GLU A 121 1.90 -13.48 -19.22
C GLU A 121 1.66 -12.12 -18.57
N TRP A 122 1.82 -12.05 -17.26
CA TRP A 122 1.74 -10.76 -16.57
C TRP A 122 2.78 -9.80 -17.12
N ALA A 123 4.05 -10.23 -17.19
CA ALA A 123 5.10 -9.39 -17.73
C ALA A 123 4.78 -8.95 -19.17
N ASP A 124 4.31 -9.88 -19.99
CA ASP A 124 4.01 -9.57 -21.39
C ASP A 124 2.88 -8.56 -21.49
N GLN A 125 1.81 -8.77 -20.73
CA GLN A 125 0.69 -7.83 -20.78
C GLN A 125 1.11 -6.47 -20.24
N TYR A 126 1.96 -6.45 -19.22
CA TYR A 126 2.51 -5.19 -18.73
C TYR A 126 3.29 -4.47 -19.81
N LEU A 127 4.13 -5.21 -20.55
CA LEU A 127 4.94 -4.59 -21.59
C LEU A 127 4.09 -4.13 -22.77
N ARG A 128 3.03 -4.86 -23.10
CA ARG A 128 2.12 -4.44 -24.15
C ARG A 128 0.95 -3.64 -23.58
N LYS B 2 7.61 -8.51 -28.36
CA LYS B 2 9.01 -8.76 -28.70
C LYS B 2 9.93 -8.09 -27.70
N GLY B 3 11.12 -8.66 -27.53
CA GLY B 3 12.08 -8.24 -26.53
C GLY B 3 12.72 -9.45 -25.89
N LYS B 4 13.33 -9.26 -24.74
CA LYS B 4 13.95 -10.38 -24.03
C LYS B 4 13.64 -10.32 -22.54
N MET B 5 13.41 -11.49 -21.95
CA MET B 5 13.11 -11.63 -20.53
CA MET B 5 13.12 -11.63 -20.54
C MET B 5 14.19 -12.47 -19.86
N ALA B 6 14.58 -12.05 -18.66
CA ALA B 6 15.53 -12.78 -17.84
C ALA B 6 14.77 -13.58 -16.78
N ILE B 7 15.09 -14.87 -16.68
CA ILE B 7 14.50 -15.78 -15.71
C ILE B 7 15.57 -16.06 -14.66
N VAL B 8 15.43 -15.45 -13.49
CA VAL B 8 16.41 -15.60 -12.41
C VAL B 8 15.82 -16.57 -11.40
N ILE B 9 16.49 -17.71 -11.21
CA ILE B 9 16.00 -18.79 -10.37
C ILE B 9 16.99 -19.00 -9.23
N SER B 10 16.48 -19.28 -8.03
CA SER B 10 17.37 -19.44 -6.89
C SER B 10 18.25 -20.67 -7.02
N THR B 11 17.75 -21.72 -7.67
CA THR B 11 18.52 -22.95 -7.82
C THR B 11 17.94 -23.77 -8.96
N LEU B 12 18.75 -24.71 -9.45
CA LEU B 12 18.26 -25.71 -10.39
C LEU B 12 18.49 -27.14 -9.91
N ASN B 13 18.83 -27.34 -8.63
CA ASN B 13 18.99 -28.66 -8.05
CA ASN B 13 18.98 -28.66 -8.06
C ASN B 13 17.74 -29.12 -7.31
N ASN B 14 16.66 -28.35 -7.36
CA ASN B 14 15.40 -28.69 -6.73
CA ASN B 14 15.40 -28.66 -6.73
C ASN B 14 14.30 -28.67 -7.77
N PRO B 15 13.53 -29.75 -7.91
CA PRO B 15 12.60 -29.88 -9.05
C PRO B 15 11.58 -28.77 -9.18
N TRP B 16 11.02 -28.28 -8.08
CA TRP B 16 10.03 -27.21 -8.18
C TRP B 16 10.58 -26.01 -8.94
N PHE B 17 11.84 -25.66 -8.66
CA PHE B 17 12.47 -24.51 -9.28
C PHE B 17 12.86 -24.79 -10.73
N VAL B 18 13.23 -26.04 -11.04
CA VAL B 18 13.50 -26.41 -12.44
C VAL B 18 12.26 -26.22 -13.29
N VAL B 19 11.13 -26.78 -12.84
CA VAL B 19 9.87 -26.61 -13.55
C VAL B 19 9.54 -25.13 -13.69
N LEU B 20 9.71 -24.37 -12.61
CA LEU B 20 9.41 -22.93 -12.66
C LEU B 20 10.25 -22.24 -13.73
N ALA B 21 11.58 -22.42 -13.67
CA ALA B 21 12.47 -21.74 -14.60
C ALA B 21 12.24 -22.20 -16.03
N GLU B 22 12.14 -23.50 -16.24
CA GLU B 22 12.04 -24.03 -17.60
C GLU B 22 10.71 -23.66 -18.25
N THR B 23 9.62 -23.71 -17.47
CA THR B 23 8.32 -23.34 -18.03
C THR B 23 8.25 -21.85 -18.33
N ALA B 24 8.83 -21.02 -17.45
CA ALA B 24 8.83 -19.58 -17.70
C ALA B 24 9.58 -19.24 -18.98
N LYS B 25 10.77 -19.83 -19.18
CA LYS B 25 11.49 -19.64 -20.43
C LYS B 25 10.67 -20.06 -21.63
N GLN B 26 10.04 -21.24 -21.55
CA GLN B 26 9.25 -21.75 -22.66
C GLN B 26 8.09 -20.82 -23.00
N ARG B 27 7.38 -20.33 -21.98
CA ARG B 27 6.23 -19.47 -22.24
C ARG B 27 6.65 -18.13 -22.83
N ALA B 28 7.76 -17.56 -22.34
CA ALA B 28 8.26 -16.33 -22.93
C ALA B 28 8.59 -16.50 -24.40
N GLU B 29 9.20 -17.62 -24.76
CA GLU B 29 9.52 -17.88 -26.16
C GLU B 29 8.26 -18.07 -26.99
N GLN B 30 7.24 -18.71 -26.42
CA GLN B 30 5.98 -18.88 -27.13
C GLN B 30 5.32 -17.53 -27.42
N LEU B 31 5.51 -16.56 -26.54
CA LEU B 31 4.92 -15.24 -26.70
C LEU B 31 5.75 -14.30 -27.57
N GLY B 32 6.87 -14.79 -28.12
CA GLY B 32 7.68 -13.99 -29.01
C GLY B 32 8.89 -13.33 -28.39
N TYR B 33 9.25 -13.70 -27.17
CA TYR B 33 10.41 -13.14 -26.49
C TYR B 33 11.60 -14.09 -26.60
N GLU B 34 12.79 -13.52 -26.47
CA GLU B 34 13.98 -14.29 -26.17
C GLU B 34 14.10 -14.39 -24.66
N ALA B 35 14.51 -15.55 -24.16
CA ALA B 35 14.53 -15.78 -22.71
C ALA B 35 15.77 -16.57 -22.31
N THR B 36 16.35 -16.19 -21.18
CA THR B 36 17.55 -16.82 -20.67
C THR B 36 17.39 -17.08 -19.17
N ILE B 37 17.79 -18.26 -18.73
CA ILE B 37 17.74 -18.62 -17.32
C ILE B 37 19.08 -18.30 -16.69
N PHE B 38 19.03 -17.63 -15.54
CA PHE B 38 20.20 -17.34 -14.72
C PHE B 38 20.05 -18.08 -13.40
N ASP B 39 21.02 -18.93 -13.07
CA ASP B 39 20.95 -19.79 -11.90
C ASP B 39 21.79 -19.18 -10.78
N SER B 40 21.12 -18.75 -9.70
CA SER B 40 21.83 -18.14 -8.58
C SER B 40 22.53 -19.15 -7.69
N GLN B 41 22.18 -20.44 -7.78
CA GLN B 41 22.76 -21.50 -6.97
C GLN B 41 22.76 -21.16 -5.48
N ASN B 42 21.65 -20.57 -5.01
CA ASN B 42 21.46 -20.24 -3.60
C ASN B 42 22.57 -19.33 -3.06
N ASP B 43 23.16 -18.50 -3.92
CA ASP B 43 24.30 -17.66 -3.57
C ASP B 43 23.98 -16.20 -3.84
N THR B 44 24.15 -15.35 -2.81
CA THR B 44 23.84 -13.94 -2.93
C THR B 44 24.72 -13.25 -3.96
N ALA B 45 26.02 -13.53 -3.94
CA ALA B 45 26.93 -12.89 -4.88
C ALA B 45 26.63 -13.29 -6.31
N LYS B 46 26.25 -14.55 -6.53
CA LYS B 46 25.91 -15.00 -7.87
C LYS B 46 24.64 -14.34 -8.37
N GLU B 47 23.62 -14.26 -7.51
CA GLU B 47 22.42 -13.53 -7.87
C GLU B 47 22.73 -12.07 -8.21
N SER B 48 23.56 -11.42 -7.39
CA SER B 48 23.91 -10.02 -7.66
C SER B 48 24.68 -9.89 -8.97
N ALA B 49 25.59 -10.82 -9.24
CA ALA B 49 26.30 -10.81 -10.51
C ALA B 49 25.34 -10.99 -11.68
N HIS B 50 24.29 -11.80 -11.49
CA HIS B 50 23.30 -11.98 -12.54
C HIS B 50 22.56 -10.69 -12.84
N PHE B 51 22.15 -9.95 -11.80
CA PHE B 51 21.51 -8.66 -12.03
C PHE B 51 22.45 -7.68 -12.72
N ASP B 52 23.75 -7.76 -12.42
CA ASP B 52 24.72 -6.92 -13.11
C ASP B 52 24.66 -7.14 -14.62
N ALA B 53 24.63 -8.40 -15.05
CA ALA B 53 24.63 -8.70 -16.47
C ALA B 53 23.28 -8.38 -17.10
N ILE B 54 22.19 -8.65 -16.38
CA ILE B 54 20.86 -8.39 -16.92
C ILE B 54 20.63 -6.90 -17.12
N ILE B 55 21.05 -6.09 -16.15
CA ILE B 55 20.95 -4.64 -16.31
C ILE B 55 21.85 -4.17 -17.45
N ALA B 56 23.08 -4.69 -17.51
CA ALA B 56 23.98 -4.31 -18.59
C ALA B 56 23.41 -4.69 -19.94
N ALA B 57 22.80 -5.88 -20.04
CA ALA B 57 22.23 -6.35 -21.30
C ALA B 57 20.97 -5.60 -21.68
N GLY B 58 20.29 -4.97 -20.73
CA GLY B 58 19.07 -4.24 -21.02
C GLY B 58 17.88 -5.12 -21.30
N TYR B 59 17.66 -6.12 -20.46
CA TYR B 59 16.48 -6.96 -20.59
C TYR B 59 15.21 -6.13 -20.39
N ASP B 60 14.12 -6.60 -21.01
CA ASP B 60 12.85 -5.89 -20.95
C ASP B 60 12.04 -6.22 -19.71
N ALA B 61 12.22 -7.40 -19.14
CA ALA B 61 11.54 -7.77 -17.90
C ALA B 61 12.35 -8.87 -17.22
N ILE B 62 12.09 -9.05 -15.93
CA ILE B 62 12.73 -10.07 -15.12
C ILE B 62 11.67 -10.88 -14.41
N ILE B 63 11.73 -12.21 -14.56
CA ILE B 63 10.96 -13.13 -13.72
C ILE B 63 11.92 -13.61 -12.63
N PHE B 64 11.64 -13.25 -11.39
CA PHE B 64 12.64 -13.31 -10.33
C PHE B 64 12.19 -14.22 -9.19
N ASN B 65 12.89 -15.34 -9.02
CA ASN B 65 12.75 -16.16 -7.83
C ASN B 65 13.91 -15.87 -6.89
N PRO B 66 13.67 -15.19 -5.77
CA PRO B 66 14.78 -14.67 -4.95
C PRO B 66 15.41 -15.73 -4.07
N THR B 67 16.69 -15.51 -3.74
CA THR B 67 17.40 -16.40 -2.85
C THR B 67 17.25 -16.04 -1.38
N ASP B 68 16.88 -14.80 -1.08
CA ASP B 68 16.69 -14.39 0.31
C ASP B 68 15.76 -13.19 0.37
N ALA B 69 15.76 -12.49 1.49
CA ALA B 69 14.92 -11.32 1.70
C ALA B 69 15.76 -10.13 2.15
N ASP B 70 16.94 -9.97 1.56
CA ASP B 70 17.81 -8.86 1.90
C ASP B 70 18.57 -8.41 0.66
N GLY B 71 19.58 -9.18 0.25
CA GLY B 71 20.25 -8.90 -1.01
C GLY B 71 19.32 -8.97 -2.20
N SER B 72 18.28 -9.81 -2.11
CA SER B 72 17.35 -9.96 -3.22
C SER B 72 16.51 -8.69 -3.43
N ILE B 73 15.98 -8.10 -2.36
CA ILE B 73 15.24 -6.86 -2.50
C ILE B 73 16.15 -5.73 -2.97
N ALA B 74 17.42 -5.74 -2.56
CA ALA B 74 18.38 -4.78 -3.10
C ALA B 74 18.54 -4.95 -4.60
N ASN B 75 18.60 -6.20 -5.08
CA ASN B 75 18.73 -6.43 -6.52
C ASN B 75 17.48 -5.96 -7.26
N VAL B 76 16.29 -6.16 -6.68
CA VAL B 76 15.07 -5.65 -7.29
C VAL B 76 15.13 -4.13 -7.39
N LYS B 77 15.61 -3.47 -6.34
CA LYS B 77 15.73 -2.01 -6.36
C LYS B 77 16.62 -1.55 -7.51
N ARG B 78 17.74 -2.22 -7.72
CA ARG B 78 18.63 -1.87 -8.82
C ARG B 78 17.94 -1.99 -10.16
N ALA B 79 17.17 -3.06 -10.36
CA ALA B 79 16.46 -3.23 -11.63
C ALA B 79 15.43 -2.13 -11.84
N LYS B 80 14.74 -1.73 -10.78
CA LYS B 80 13.79 -0.64 -10.87
C LYS B 80 14.48 0.66 -11.29
N GLU B 81 15.63 0.97 -10.69
CA GLU B 81 16.36 2.18 -11.05
C GLU B 81 16.81 2.16 -12.50
N ALA B 82 17.06 0.98 -13.06
CA ALA B 82 17.37 0.85 -14.47
C ALA B 82 16.11 0.80 -15.35
N GLY B 83 14.93 0.95 -14.76
CA GLY B 83 13.70 0.94 -15.53
C GLY B 83 13.28 -0.42 -16.05
N ILE B 84 13.69 -1.48 -15.37
CA ILE B 84 13.37 -2.85 -15.77
C ILE B 84 12.30 -3.38 -14.81
N PRO B 85 11.11 -3.73 -15.29
CA PRO B 85 10.08 -4.27 -14.39
C PRO B 85 10.42 -5.67 -13.93
N VAL B 86 10.06 -5.97 -12.69
CA VAL B 86 10.37 -7.25 -12.05
C VAL B 86 9.07 -7.90 -11.59
N PHE B 87 8.94 -9.19 -11.86
CA PHE B 87 7.81 -10.00 -11.43
C PHE B 87 8.36 -11.17 -10.63
N CYS B 88 8.14 -11.14 -9.32
CA CYS B 88 8.74 -12.13 -8.42
C CYS B 88 7.84 -13.35 -8.28
N VAL B 89 8.46 -14.52 -8.19
CA VAL B 89 7.77 -15.79 -8.10
C VAL B 89 8.40 -16.61 -6.98
N ASP B 90 7.56 -17.21 -6.13
CA ASP B 90 8.08 -18.02 -5.04
C ASP B 90 6.97 -18.91 -4.51
N ARG B 91 7.34 -19.76 -3.56
CA ARG B 91 6.39 -20.52 -2.76
C ARG B 91 6.83 -20.46 -1.31
N GLY B 92 5.87 -20.54 -0.41
CA GLY B 92 6.16 -20.49 1.01
C GLY B 92 5.13 -21.25 1.81
N ILE B 93 5.44 -21.42 3.10
CA ILE B 93 4.54 -22.06 4.06
C ILE B 93 4.07 -20.99 5.04
N ASN B 94 2.76 -20.90 5.20
CA ASN B 94 2.17 -19.90 6.08
C ASN B 94 2.48 -20.22 7.53
N ALA B 95 2.10 -19.30 8.43
CA ALA B 95 2.32 -19.50 9.85
C ALA B 95 1.54 -20.70 10.39
N ARG B 96 0.48 -21.12 9.69
CA ARG B 96 -0.34 -22.25 10.11
C ARG B 96 -0.05 -23.52 9.33
N GLY B 97 0.84 -23.47 8.34
CA GLY B 97 1.25 -24.65 7.60
C GLY B 97 0.76 -24.70 6.17
N LEU B 98 -0.13 -23.82 5.75
CA LEU B 98 -0.64 -23.83 4.38
C LEU B 98 0.43 -23.35 3.42
N ALA B 99 0.76 -24.19 2.44
CA ALA B 99 1.69 -23.80 1.39
C ALA B 99 0.97 -22.95 0.34
N VAL B 100 1.65 -21.93 -0.16
CA VAL B 100 1.09 -21.03 -1.14
CA VAL B 100 1.09 -21.01 -1.13
C VAL B 100 2.15 -20.68 -2.18
N ALA B 101 1.73 -20.63 -3.44
CA ALA B 101 2.58 -20.20 -4.53
C ALA B 101 2.21 -18.77 -4.90
N GLN B 102 3.21 -17.90 -5.08
CA GLN B 102 2.99 -16.46 -5.10
C GLN B 102 3.65 -15.83 -6.33
N ILE B 103 2.94 -14.89 -6.95
CA ILE B 103 3.53 -13.94 -7.90
C ILE B 103 3.27 -12.54 -7.35
N TYR B 104 4.29 -11.71 -7.34
CA TYR B 104 4.09 -10.35 -6.85
C TYR B 104 4.99 -9.39 -7.61
N SER B 105 4.59 -8.12 -7.63
CA SER B 105 5.29 -7.11 -8.40
C SER B 105 4.84 -5.74 -7.94
N ASP B 106 5.76 -4.79 -7.90
CA ASP B 106 5.45 -3.40 -7.59
CA ASP B 106 5.37 -3.42 -7.58
C ASP B 106 4.86 -2.66 -8.78
N THR B 107 4.89 -3.27 -9.96
N THR B 107 4.78 -3.30 -9.95
CA THR B 107 4.07 -2.77 -11.05
CA THR B 107 4.52 -2.61 -11.21
C THR B 107 2.64 -3.20 -10.83
C THR B 107 3.03 -2.33 -11.47
N SER B 108 1.73 -2.54 -11.54
N SER B 108 2.13 -3.10 -10.88
CA SER B 108 0.34 -2.94 -11.66
CA SER B 108 0.76 -3.21 -11.41
C SER B 108 -0.45 -2.85 -10.36
C SER B 108 -0.30 -2.90 -10.38
N THR B 109 0.06 -2.16 -9.32
CA THR B 109 -0.87 -1.85 -8.23
C THR B 109 -1.98 -0.91 -8.68
N GLN B 110 -1.78 -0.21 -9.80
CA GLN B 110 -2.77 0.73 -10.31
C GLN B 110 -3.63 0.11 -11.41
N PHE B 111 -3.50 -1.20 -11.64
CA PHE B 111 -4.13 -1.88 -12.78
C PHE B 111 -5.02 -3.01 -12.28
N PRO B 112 -6.18 -2.69 -11.71
CA PRO B 112 -7.07 -3.75 -11.24
C PRO B 112 -7.62 -4.63 -12.36
N LYS B 113 -7.80 -4.08 -13.56
CA LYS B 113 -8.32 -4.91 -14.65
C LYS B 113 -7.33 -6.00 -15.02
N LEU B 114 -6.04 -5.65 -15.09
CA LEU B 114 -5.02 -6.64 -15.40
C LEU B 114 -4.96 -7.73 -14.34
N MET B 115 -4.98 -7.33 -13.06
CA MET B 115 -4.89 -8.31 -11.99
CA MET B 115 -4.92 -8.29 -11.96
C MET B 115 -6.11 -9.23 -11.98
N ALA B 116 -7.31 -8.69 -12.22
CA ALA B 116 -8.50 -9.52 -12.24
C ALA B 116 -8.44 -10.55 -13.38
N ARG B 117 -8.01 -10.11 -14.57
CA ARG B 117 -7.94 -11.03 -15.69
CA ARG B 117 -7.94 -11.02 -15.70
C ARG B 117 -6.94 -12.14 -15.45
N LEU B 118 -5.77 -11.81 -14.91
CA LEU B 118 -4.76 -12.82 -14.63
C LEU B 118 -5.26 -13.87 -13.66
N ALA B 119 -5.97 -13.44 -12.60
CA ALA B 119 -6.45 -14.42 -11.62
C ALA B 119 -7.46 -15.37 -12.22
N VAL B 120 -8.39 -14.84 -13.03
CA VAL B 120 -9.40 -15.68 -13.67
C VAL B 120 -8.77 -16.60 -14.71
N GLU B 121 -7.81 -16.07 -15.49
CA GLU B 121 -7.14 -16.91 -16.49
C GLU B 121 -6.35 -18.03 -15.82
N TRP B 122 -5.77 -17.77 -14.66
CA TRP B 122 -5.09 -18.84 -13.91
C TRP B 122 -6.07 -19.92 -13.50
N ALA B 123 -7.19 -19.51 -12.90
CA ALA B 123 -8.24 -20.46 -12.53
C ALA B 123 -8.74 -21.24 -13.73
N ASP B 124 -8.90 -20.56 -14.88
CA ASP B 124 -9.38 -21.23 -16.09
C ASP B 124 -8.39 -22.31 -16.53
N GLN B 125 -7.10 -21.96 -16.62
CA GLN B 125 -6.10 -22.95 -17.01
CA GLN B 125 -6.10 -22.95 -17.01
C GLN B 125 -6.05 -24.12 -16.02
N TYR B 126 -6.23 -23.84 -14.73
CA TYR B 126 -6.23 -24.90 -13.74
C TYR B 126 -7.42 -25.84 -13.94
N LEU B 127 -8.61 -25.27 -14.10
CA LEU B 127 -9.82 -26.08 -14.20
C LEU B 127 -9.86 -26.88 -15.50
N ARG B 128 -9.34 -26.32 -16.59
CA ARG B 128 -9.42 -27.01 -17.86
C ARG B 128 -8.34 -28.07 -18.04
N GLY B 129 -7.42 -28.20 -17.07
CA GLY B 129 -6.38 -29.20 -17.14
C GLY B 129 -6.38 -30.15 -15.95
N LYS C 2 -2.86 17.42 34.11
CA LYS C 2 -2.64 16.47 33.03
C LYS C 2 -3.88 16.26 32.15
N GLY C 3 -3.81 15.25 31.30
CA GLY C 3 -4.93 14.84 30.48
C GLY C 3 -4.79 13.38 30.13
N LYS C 4 -5.81 12.85 29.47
CA LYS C 4 -5.76 11.45 29.03
C LYS C 4 -6.10 11.36 27.56
N MET C 5 -5.40 10.46 26.88
CA MET C 5 -5.51 10.25 25.46
C MET C 5 -5.99 8.83 25.19
N ALA C 6 -6.91 8.68 24.25
CA ALA C 6 -7.39 7.38 23.83
C ALA C 6 -6.70 7.00 22.52
N ILE C 7 -6.12 5.81 22.50
CA ILE C 7 -5.44 5.28 21.32
CA ILE C 7 -5.45 5.29 21.30
C ILE C 7 -6.33 4.18 20.74
N VAL C 8 -6.97 4.46 19.62
CA VAL C 8 -7.84 3.51 18.95
C VAL C 8 -7.07 2.95 17.75
N ILE C 9 -6.75 1.66 17.81
CA ILE C 9 -5.96 0.99 16.78
C ILE C 9 -6.87 0.01 16.06
N SER C 10 -6.69 -0.10 14.74
CA SER C 10 -7.59 -0.95 13.94
C SER C 10 -7.40 -2.42 14.27
N THR C 11 -6.19 -2.84 14.61
CA THR C 11 -5.91 -4.24 14.91
C THR C 11 -4.61 -4.32 15.69
N LEU C 12 -4.48 -5.37 16.50
CA LEU C 12 -3.21 -5.71 17.12
C LEU C 12 -2.66 -7.03 16.58
N ASN C 13 -3.07 -7.41 15.38
CA ASN C 13 -2.66 -8.67 14.75
C ASN C 13 -1.59 -8.49 13.70
N ASN C 14 -1.09 -7.27 13.50
CA ASN C 14 -0.04 -6.99 12.54
C ASN C 14 1.01 -6.12 13.21
N PRO C 15 2.29 -6.37 12.96
CA PRO C 15 3.34 -5.66 13.71
C PRO C 15 3.35 -4.16 13.49
N TRP C 16 3.02 -3.69 12.29
CA TRP C 16 3.03 -2.25 12.06
C TRP C 16 2.06 -1.53 12.99
N PHE C 17 0.88 -2.12 13.20
CA PHE C 17 -0.13 -1.51 14.06
C PHE C 17 0.19 -1.66 15.54
N VAL C 18 0.81 -2.77 15.93
CA VAL C 18 1.23 -2.94 17.32
C VAL C 18 2.27 -1.89 17.69
N VAL C 19 3.28 -1.73 16.81
CA VAL C 19 4.31 -0.72 17.05
C VAL C 19 3.71 0.68 17.04
N LEU C 20 2.78 0.95 16.12
CA LEU C 20 2.11 2.25 16.10
C LEU C 20 1.39 2.52 17.41
N ALA C 21 0.61 1.54 17.89
CA ALA C 21 -0.16 1.75 19.11
C ALA C 21 0.75 1.81 20.33
N GLU C 22 1.78 0.96 20.37
CA GLU C 22 2.70 0.95 21.49
C GLU C 22 3.40 2.30 21.62
N THR C 23 3.84 2.85 20.49
CA THR C 23 4.65 4.07 20.52
C THR C 23 3.79 5.28 20.81
N ALA C 24 2.56 5.30 20.30
CA ALA C 24 1.61 6.36 20.63
C ALA C 24 1.37 6.40 22.13
N LYS C 25 1.12 5.24 22.75
CA LYS C 25 0.93 5.20 24.19
C LYS C 25 2.17 5.69 24.91
N GLN C 26 3.33 5.19 24.51
CA GLN C 26 4.58 5.57 25.18
C GLN C 26 4.82 7.07 25.06
N ARG C 27 4.66 7.62 23.85
CA ARG C 27 4.93 9.05 23.66
C ARG C 27 3.97 9.90 24.48
N ALA C 28 2.69 9.52 24.54
CA ALA C 28 1.73 10.25 25.38
C ALA C 28 2.15 10.23 26.84
N GLU C 29 2.54 9.06 27.35
CA GLU C 29 2.95 8.97 28.75
C GLU C 29 4.24 9.75 28.99
N GLN C 30 5.17 9.73 28.04
CA GLN C 30 6.39 10.53 28.15
C GLN C 30 6.06 12.01 28.35
N LEU C 31 5.04 12.51 27.66
CA LEU C 31 4.62 13.90 27.74
C LEU C 31 3.67 14.18 28.89
N GLY C 32 3.50 13.24 29.82
CA GLY C 32 2.76 13.49 31.04
C GLY C 32 1.29 13.14 31.02
N TYR C 33 0.80 12.47 29.97
CA TYR C 33 -0.59 12.10 29.85
C TYR C 33 -0.83 10.67 30.32
N GLU C 34 -2.09 10.38 30.65
CA GLU C 34 -2.58 9.01 30.74
C GLU C 34 -3.00 8.56 29.35
N ALA C 35 -2.77 7.28 29.04
CA ALA C 35 -3.09 6.78 27.71
C ALA C 35 -3.69 5.38 27.82
N THR C 36 -4.72 5.14 27.01
CA THR C 36 -5.42 3.86 27.01
C THR C 36 -5.65 3.44 25.58
N ILE C 37 -5.43 2.15 25.32
CA ILE C 37 -5.51 1.61 23.96
C ILE C 37 -6.81 0.86 23.79
N PHE C 38 -7.43 1.03 22.62
CA PHE C 38 -8.68 0.36 22.27
C PHE C 38 -8.45 -0.36 20.95
N ASP C 39 -8.57 -1.69 20.98
CA ASP C 39 -8.30 -2.54 19.82
C ASP C 39 -9.62 -2.81 19.10
N SER C 40 -9.76 -2.29 17.88
CA SER C 40 -10.99 -2.48 17.12
C SER C 40 -11.09 -3.86 16.49
N GLN C 41 -9.99 -4.62 16.46
CA GLN C 41 -9.97 -5.98 15.90
C GLN C 41 -10.63 -6.04 14.53
N ASN C 42 -10.37 -5.03 13.71
CA ASN C 42 -10.87 -4.96 12.33
C ASN C 42 -12.38 -5.04 12.27
N ASP C 43 -13.07 -4.46 13.25
CA ASP C 43 -14.53 -4.54 13.32
C ASP C 43 -15.06 -3.13 13.53
N THR C 44 -15.89 -2.67 12.59
CA THR C 44 -16.41 -1.30 12.68
C THR C 44 -17.35 -1.13 13.88
N ALA C 45 -18.10 -2.17 14.24
CA ALA C 45 -18.98 -2.07 15.40
C ALA C 45 -18.19 -1.99 16.69
N LYS C 46 -17.08 -2.72 16.78
CA LYS C 46 -16.22 -2.61 17.95
C LYS C 46 -15.56 -1.24 18.02
N GLU C 47 -15.11 -0.73 16.87
CA GLU C 47 -14.54 0.61 16.82
C GLU C 47 -15.56 1.66 17.25
N SER C 48 -16.81 1.50 16.80
CA SER C 48 -17.86 2.42 17.21
C SER C 48 -18.15 2.32 18.70
N ALA C 49 -18.14 1.10 19.24
CA ALA C 49 -18.35 0.93 20.68
C ALA C 49 -17.20 1.53 21.48
N HIS C 50 -15.98 1.46 20.95
CA HIS C 50 -14.85 2.11 21.61
C HIS C 50 -15.06 3.62 21.69
N PHE C 51 -15.53 4.23 20.60
CA PHE C 51 -15.82 5.66 20.63
C PHE C 51 -16.93 6.00 21.61
N ASP C 52 -17.92 5.11 21.77
CA ASP C 52 -18.96 5.34 22.77
C ASP C 52 -18.38 5.42 24.17
N ALA C 53 -17.46 4.50 24.48
CA ALA C 53 -16.86 4.50 25.81
C ALA C 53 -15.94 5.69 26.00
N ILE C 54 -15.22 6.09 24.94
CA ILE C 54 -14.27 7.19 25.05
C ILE C 54 -15.00 8.51 25.26
N ILE C 55 -16.08 8.75 24.51
CA ILE C 55 -16.86 9.97 24.68
C ILE C 55 -17.44 10.04 26.09
N ALA C 56 -18.00 8.93 26.57
CA ALA C 56 -18.63 8.95 27.88
C ALA C 56 -17.59 9.08 29.01
N ALA C 57 -16.38 8.59 28.77
CA ALA C 57 -15.31 8.73 29.75
C ALA C 57 -14.65 10.11 29.74
N GLY C 58 -14.91 10.93 28.73
CA GLY C 58 -14.40 12.28 28.69
C GLY C 58 -12.91 12.40 28.39
N TYR C 59 -12.39 11.58 27.47
CA TYR C 59 -10.99 11.69 27.10
C TYR C 59 -10.72 13.05 26.46
N ASP C 60 -9.48 13.52 26.59
CA ASP C 60 -9.12 14.84 26.12
C ASP C 60 -8.77 14.86 24.63
N ALA C 61 -8.20 13.77 24.10
CA ALA C 61 -7.92 13.68 22.68
C ALA C 61 -7.96 12.21 22.28
N ILE C 62 -8.15 11.97 20.99
CA ILE C 62 -8.15 10.63 20.43
C ILE C 62 -7.06 10.55 19.37
N ILE C 63 -6.21 9.53 19.49
CA ILE C 63 -5.27 9.14 18.44
C ILE C 63 -5.91 7.97 17.70
N PHE C 64 -6.27 8.17 16.44
CA PHE C 64 -7.21 7.28 15.75
C PHE C 64 -6.56 6.65 14.54
N ASN C 65 -6.44 5.31 14.57
CA ASN C 65 -6.12 4.53 13.38
C ASN C 65 -7.38 3.83 12.91
N PRO C 66 -7.97 4.23 11.79
CA PRO C 66 -9.31 3.75 11.44
C PRO C 66 -9.31 2.37 10.81
N THR C 67 -10.46 1.69 10.95
CA THR C 67 -10.65 0.39 10.30
C THR C 67 -11.06 0.52 8.83
N ASP C 68 -11.64 1.65 8.44
CA ASP C 68 -11.99 1.88 7.04
C ASP C 68 -12.32 3.35 6.86
N ALA C 69 -12.06 3.86 5.65
CA ALA C 69 -12.26 5.28 5.35
C ALA C 69 -13.70 5.54 4.91
N ASP C 70 -14.62 5.27 5.83
CA ASP C 70 -16.04 5.54 5.62
C ASP C 70 -16.78 5.53 6.95
N GLY C 71 -16.99 4.34 7.51
CA GLY C 71 -17.65 4.24 8.81
C GLY C 71 -16.85 4.89 9.92
N SER C 72 -15.52 4.94 9.78
CA SER C 72 -14.70 5.58 10.79
C SER C 72 -14.88 7.10 10.77
N ILE C 73 -15.18 7.67 9.61
CA ILE C 73 -15.45 9.11 9.53
C ILE C 73 -16.65 9.47 10.39
N ALA C 74 -17.63 8.57 10.49
CA ALA C 74 -18.77 8.80 11.37
C ALA C 74 -18.33 8.93 12.82
N ASN C 75 -17.32 8.15 13.23
CA ASN C 75 -16.86 8.22 14.61
C ASN C 75 -16.06 9.48 14.87
N VAL C 76 -15.31 9.97 13.87
CA VAL C 76 -14.62 11.25 14.01
C VAL C 76 -15.64 12.38 14.20
N LYS C 77 -16.75 12.34 13.47
CA LYS C 77 -17.78 13.36 13.61
C LYS C 77 -18.45 13.30 14.98
N ARG C 78 -18.71 12.09 15.48
CA ARG C 78 -19.27 11.96 16.83
C ARG C 78 -18.34 12.51 17.88
N ALA C 79 -17.03 12.27 17.73
CA ALA C 79 -16.07 12.82 18.68
C ALA C 79 -16.03 14.34 18.60
N LYS C 80 -16.04 14.90 17.38
CA LYS C 80 -16.06 16.34 17.23
C LYS C 80 -17.30 16.95 17.87
N GLU C 81 -18.47 16.35 17.63
CA GLU C 81 -19.70 16.84 18.25
C GLU C 81 -19.67 16.73 19.76
N ALA C 82 -18.86 15.83 20.30
CA ALA C 82 -18.65 15.75 21.74
C ALA C 82 -17.53 16.66 22.22
N GLY C 83 -16.88 17.38 21.32
CA GLY C 83 -15.82 18.30 21.70
C GLY C 83 -14.46 17.67 21.91
N ILE C 84 -14.23 16.48 21.36
CA ILE C 84 -12.97 15.77 21.53
C ILE C 84 -12.20 15.87 20.21
N PRO C 85 -11.00 16.43 20.21
CA PRO C 85 -10.21 16.48 18.96
C PRO C 85 -9.66 15.11 18.60
N VAL C 86 -9.63 14.83 17.30
CA VAL C 86 -9.18 13.55 16.77
C VAL C 86 -7.94 13.76 15.91
N PHE C 87 -6.92 12.95 16.15
CA PHE C 87 -5.69 12.98 15.37
C PHE C 87 -5.48 11.61 14.76
N CYS C 88 -5.70 11.52 13.45
CA CYS C 88 -5.75 10.24 12.76
C CYS C 88 -4.40 9.96 12.11
N VAL C 89 -3.97 8.71 12.22
CA VAL C 89 -2.73 8.25 11.61
CA VAL C 89 -2.73 8.25 11.61
C VAL C 89 -3.04 6.95 10.87
N ASP C 90 -2.72 6.92 9.58
CA ASP C 90 -3.07 5.77 8.76
C ASP C 90 -2.02 5.57 7.68
N ARG C 91 -2.15 4.45 7.00
CA ARG C 91 -1.30 4.11 5.86
CA ARG C 91 -1.30 4.11 5.87
C ARG C 91 -2.16 3.40 4.84
N GLY C 92 -1.92 3.66 3.57
CA GLY C 92 -2.70 3.00 2.53
C GLY C 92 -2.13 3.25 1.16
N ILE C 93 -2.84 2.72 0.17
CA ILE C 93 -2.45 2.81 -1.23
C ILE C 93 -3.39 3.78 -1.92
N ASN C 94 -2.83 4.73 -2.66
CA ASN C 94 -3.62 5.82 -3.23
C ASN C 94 -4.18 5.41 -4.58
N ALA C 95 -4.57 6.39 -5.40
CA ALA C 95 -5.18 6.08 -6.70
C ALA C 95 -4.14 5.59 -7.70
N ARG C 96 -2.92 6.11 -7.64
CA ARG C 96 -1.86 5.68 -8.54
C ARG C 96 -1.16 4.42 -8.06
N GLY C 97 -1.67 3.77 -7.04
CA GLY C 97 -1.08 2.52 -6.58
C GLY C 97 0.16 2.67 -5.75
N LEU C 98 0.36 3.83 -5.11
CA LEU C 98 1.55 4.07 -4.32
C LEU C 98 1.20 4.14 -2.84
N ALA C 99 2.06 3.58 -1.99
CA ALA C 99 1.83 3.62 -0.56
C ALA C 99 2.11 5.03 -0.02
N VAL C 100 1.22 5.51 0.84
CA VAL C 100 1.33 6.84 1.43
C VAL C 100 1.04 6.74 2.92
N ALA C 101 1.79 7.52 3.70
CA ALA C 101 1.57 7.65 5.14
C ALA C 101 0.80 8.95 5.36
N GLN C 102 -0.20 8.90 6.25
CA GLN C 102 -1.13 10.00 6.43
CA GLN C 102 -1.13 10.00 6.43
C GLN C 102 -1.30 10.33 7.90
N ILE C 103 -1.35 11.63 8.21
CA ILE C 103 -1.74 12.15 9.52
C ILE C 103 -2.73 13.27 9.27
N TYR C 104 -3.92 13.18 9.86
CA TYR C 104 -4.95 14.18 9.58
C TYR C 104 -5.83 14.39 10.80
N SER C 105 -6.64 15.45 10.74
CA SER C 105 -7.39 15.86 11.92
C SER C 105 -8.61 16.65 11.48
N ASP C 106 -9.59 16.72 12.39
CA ASP C 106 -10.68 17.66 12.22
C ASP C 106 -10.24 19.07 12.58
N THR C 107 -9.13 19.22 13.29
CA THR C 107 -8.56 20.51 13.63
C THR C 107 -7.68 21.02 12.49
N SER C 108 -7.28 22.29 12.59
CA SER C 108 -6.44 22.98 11.60
C SER C 108 -7.15 23.23 10.28
N THR C 109 -8.47 22.98 10.18
CA THR C 109 -9.16 23.23 8.93
C THR C 109 -9.51 24.70 8.72
N GLN C 110 -9.43 25.52 9.76
CA GLN C 110 -9.65 26.95 9.65
C GLN C 110 -8.39 27.77 9.89
N PHE C 111 -7.51 27.30 10.78
CA PHE C 111 -6.30 28.03 11.15
C PHE C 111 -5.21 26.99 11.28
N PRO C 112 -4.45 26.73 10.21
CA PRO C 112 -3.61 25.52 10.16
C PRO C 112 -2.21 25.69 10.75
N LYS C 113 -2.11 26.46 11.83
CA LYS C 113 -0.80 26.74 12.42
C LYS C 113 -0.15 25.46 12.94
N LEU C 114 -0.91 24.68 13.71
CA LEU C 114 -0.33 23.46 14.28
C LEU C 114 0.01 22.44 13.21
N MET C 115 -0.84 22.29 12.19
CA MET C 115 -0.53 21.31 11.16
CA MET C 115 -0.54 21.31 11.15
C MET C 115 0.69 21.73 10.35
N ALA C 116 0.86 23.03 10.09
CA ALA C 116 2.03 23.48 9.35
C ALA C 116 3.32 23.18 10.11
N ARG C 117 3.32 23.40 11.43
CA ARG C 117 4.51 23.06 12.21
C ARG C 117 4.77 21.56 12.24
N LEU C 118 3.71 20.76 12.35
CA LEU C 118 3.91 19.32 12.39
C LEU C 118 4.49 18.80 11.07
N ALA C 119 4.06 19.39 9.95
CA ALA C 119 4.60 18.98 8.65
C ALA C 119 6.08 19.28 8.56
N VAL C 120 6.50 20.44 9.08
CA VAL C 120 7.92 20.77 9.10
C VAL C 120 8.66 19.85 10.08
N GLU C 121 8.06 19.58 11.24
CA GLU C 121 8.69 18.69 12.20
C GLU C 121 8.80 17.27 11.65
N TRP C 122 7.84 16.84 10.84
CA TRP C 122 7.95 15.53 10.18
C TRP C 122 9.15 15.50 9.25
N ALA C 123 9.31 16.54 8.42
CA ALA C 123 10.47 16.62 7.54
C ALA C 123 11.77 16.71 8.35
N ASP C 124 11.76 17.46 9.44
CA ASP C 124 12.96 17.59 10.26
C ASP C 124 13.36 16.26 10.88
N GLN C 125 12.39 15.56 11.48
CA GLN C 125 12.69 14.27 12.09
C GLN C 125 13.06 13.22 11.04
N TYR C 126 12.52 13.35 9.83
CA TYR C 126 12.89 12.45 8.75
C TYR C 126 14.34 12.69 8.31
N LEU C 127 14.71 13.95 8.13
CA LEU C 127 16.06 14.25 7.67
C LEU C 127 17.11 13.83 8.68
N ARG C 128 16.76 13.84 9.97
CA ARG C 128 17.67 13.41 11.02
C ARG C 128 17.40 11.96 11.42
N LYS D 2 22.11 21.68 9.53
CA LYS D 2 21.22 22.65 8.90
C LYS D 2 20.64 22.11 7.60
N GLY D 3 20.28 23.00 6.69
CA GLY D 3 19.66 22.63 5.44
C GLY D 3 18.65 23.68 5.04
N LYS D 4 17.97 23.42 3.93
CA LYS D 4 16.94 24.34 3.45
C LYS D 4 15.69 23.56 3.03
N MET D 5 14.55 24.24 3.15
CA MET D 5 13.24 23.65 3.00
C MET D 5 12.43 24.52 2.05
N ALA D 6 11.82 23.92 1.04
CA ALA D 6 11.00 24.64 0.08
C ALA D 6 9.53 24.50 0.45
N ILE D 7 8.84 25.62 0.61
CA ILE D 7 7.43 25.66 0.93
CA ILE D 7 7.42 25.65 0.93
C ILE D 7 6.69 26.06 -0.35
N VAL D 8 6.07 25.08 -1.01
CA VAL D 8 5.34 25.29 -2.25
C VAL D 8 3.86 25.37 -1.90
N ILE D 9 3.26 26.54 -2.13
CA ILE D 9 1.88 26.80 -1.76
C ILE D 9 1.08 27.05 -3.03
N SER D 10 -0.16 26.53 -3.07
CA SER D 10 -0.95 26.66 -4.29
C SER D 10 -1.37 28.10 -4.54
N THR D 11 -1.56 28.88 -3.49
CA THR D 11 -1.97 30.27 -3.62
C THR D 11 -1.67 30.99 -2.31
N LEU D 12 -1.51 32.31 -2.43
CA LEU D 12 -1.45 33.19 -1.26
C LEU D 12 -2.64 34.14 -1.20
N ASN D 13 -3.71 33.83 -1.94
CA ASN D 13 -4.90 34.69 -2.02
C ASN D 13 -6.05 34.19 -1.17
N ASN D 14 -5.90 33.06 -0.48
CA ASN D 14 -6.86 32.65 0.53
C ASN D 14 -6.17 32.48 1.88
N PRO D 15 -6.80 32.90 2.98
CA PRO D 15 -6.08 33.03 4.25
C PRO D 15 -5.55 31.71 4.80
N TRP D 16 -6.30 30.62 4.64
CA TRP D 16 -5.85 29.34 5.16
C TRP D 16 -4.48 28.97 4.60
N PHE D 17 -4.25 29.25 3.31
CA PHE D 17 -2.98 28.92 2.66
C PHE D 17 -1.87 29.86 3.06
N VAL D 18 -2.20 31.14 3.32
CA VAL D 18 -1.22 32.08 3.86
C VAL D 18 -0.69 31.58 5.19
N VAL D 19 -1.60 31.23 6.11
CA VAL D 19 -1.20 30.76 7.43
C VAL D 19 -0.32 29.53 7.31
N LEU D 20 -0.72 28.58 6.46
CA LEU D 20 0.04 27.35 6.27
C LEU D 20 1.46 27.65 5.81
N ALA D 21 1.60 28.52 4.80
CA ALA D 21 2.91 28.80 4.23
C ALA D 21 3.79 29.58 5.20
N GLU D 22 3.25 30.66 5.77
CA GLU D 22 4.05 31.48 6.69
C GLU D 22 4.45 30.70 7.94
N THR D 23 3.53 29.91 8.49
CA THR D 23 3.86 29.13 9.69
C THR D 23 4.88 28.05 9.40
N ALA D 24 4.77 27.40 8.22
CA ALA D 24 5.77 26.39 7.86
C ALA D 24 7.14 27.01 7.68
N LYS D 25 7.22 28.17 7.02
CA LYS D 25 8.49 28.87 6.90
C LYS D 25 9.07 29.22 8.26
N GLN D 26 8.24 29.73 9.16
CA GLN D 26 8.72 30.13 10.48
C GLN D 26 9.21 28.93 11.28
N ARG D 27 8.47 27.82 11.25
CA ARG D 27 8.89 26.64 12.00
C ARG D 27 10.21 26.07 11.48
N ALA D 28 10.37 26.03 10.15
CA ALA D 28 11.63 25.55 9.59
C ALA D 28 12.79 26.42 10.05
N GLU D 29 12.59 27.73 10.11
CA GLU D 29 13.63 28.62 10.59
C GLU D 29 13.87 28.43 12.08
N GLN D 30 12.81 28.19 12.86
CA GLN D 30 12.98 27.90 14.28
C GLN D 30 13.79 26.63 14.50
N LEU D 31 13.71 25.68 13.58
CA LEU D 31 14.45 24.42 13.67
C LEU D 31 15.83 24.49 13.03
N GLY D 32 16.31 25.68 12.69
CA GLY D 32 17.63 25.84 12.14
C GLY D 32 17.75 25.63 10.65
N TYR D 33 16.64 25.67 9.91
CA TYR D 33 16.65 25.55 8.46
C TYR D 33 16.47 26.92 7.81
N GLU D 34 16.94 27.02 6.57
CA GLU D 34 16.55 28.11 5.69
C GLU D 34 15.30 27.69 4.93
N ALA D 35 14.38 28.64 4.73
CA ALA D 35 13.11 28.29 4.11
C ALA D 35 12.65 29.40 3.16
N THR D 36 12.01 28.99 2.08
CA THR D 36 11.53 29.91 1.05
C THR D 36 10.16 29.47 0.58
N ILE D 37 9.25 30.44 0.44
CA ILE D 37 7.89 30.18 -0.01
C ILE D 37 7.83 30.34 -1.51
N PHE D 38 7.26 29.35 -2.20
CA PHE D 38 7.07 29.40 -3.65
C PHE D 38 5.57 29.36 -3.94
N ASP D 39 5.05 30.46 -4.46
CA ASP D 39 3.62 30.62 -4.71
C ASP D 39 3.31 30.17 -6.14
N SER D 40 2.57 29.07 -6.26
CA SER D 40 2.21 28.55 -7.57
C SER D 40 1.11 29.35 -8.27
N GLN D 41 0.36 30.14 -7.52
CA GLN D 41 -0.73 30.96 -8.06
C GLN D 41 -1.72 30.11 -8.87
N ASN D 42 -1.96 28.89 -8.39
CA ASN D 42 -2.91 27.96 -9.00
C ASN D 42 -2.60 27.71 -10.47
N ASP D 43 -1.32 27.76 -10.83
CA ASP D 43 -0.88 27.62 -12.21
C ASP D 43 0.10 26.46 -12.26
N THR D 44 -0.24 25.43 -13.05
CA THR D 44 0.60 24.24 -13.13
C THR D 44 1.98 24.57 -13.68
N ALA D 45 2.05 25.46 -14.67
CA ALA D 45 3.35 25.83 -15.24
C ALA D 45 4.22 26.53 -14.21
N LYS D 46 3.63 27.41 -13.40
CA LYS D 46 4.39 28.07 -12.35
C LYS D 46 4.83 27.08 -11.28
N GLU D 47 3.94 26.15 -10.91
CA GLU D 47 4.31 25.10 -9.97
C GLU D 47 5.45 24.24 -10.50
N SER D 48 5.33 23.83 -11.77
CA SER D 48 6.38 23.02 -12.38
C SER D 48 7.70 23.78 -12.45
N ALA D 49 7.64 25.08 -12.79
CA ALA D 49 8.85 25.89 -12.78
C ALA D 49 9.40 26.03 -11.36
N HIS D 50 8.53 26.15 -10.36
CA HIS D 50 8.97 26.15 -8.98
C HIS D 50 9.75 24.87 -8.66
N PHE D 51 9.23 23.72 -9.08
CA PHE D 51 9.95 22.47 -8.85
C PHE D 51 11.25 22.43 -9.63
N ASP D 52 11.28 23.02 -10.83
CA ASP D 52 12.53 23.10 -11.59
C ASP D 52 13.61 23.82 -10.79
N ALA D 53 13.26 24.99 -10.23
CA ALA D 53 14.23 25.75 -9.45
C ALA D 53 14.62 25.02 -8.17
N ILE D 54 13.66 24.37 -7.52
CA ILE D 54 13.93 23.69 -6.25
C ILE D 54 14.88 22.52 -6.46
N ILE D 55 14.63 21.71 -7.49
CA ILE D 55 15.51 20.58 -7.78
C ILE D 55 16.91 21.07 -8.12
N ALA D 56 17.01 22.11 -8.97
CA ALA D 56 18.32 22.62 -9.36
C ALA D 56 19.07 23.23 -8.18
N ALA D 57 18.34 23.87 -7.25
CA ALA D 57 18.97 24.47 -6.09
C ALA D 57 19.29 23.48 -4.99
N GLY D 58 18.82 22.24 -5.09
CA GLY D 58 19.18 21.20 -4.15
C GLY D 58 18.61 21.38 -2.76
N TYR D 59 17.30 21.59 -2.67
CA TYR D 59 16.64 21.66 -1.37
C TYR D 59 16.63 20.29 -0.70
N ASP D 60 16.59 20.29 0.62
CA ASP D 60 16.62 19.04 1.38
C ASP D 60 15.25 18.47 1.66
N ALA D 61 14.21 19.29 1.69
CA ALA D 61 12.84 18.81 1.86
C ALA D 61 11.89 19.80 1.23
N ILE D 62 10.71 19.30 0.85
CA ILE D 62 9.66 20.11 0.27
C ILE D 62 8.38 19.92 1.08
N ILE D 63 7.81 21.03 1.54
CA ILE D 63 6.47 21.07 2.11
C ILE D 63 5.56 21.55 0.98
N PHE D 64 4.67 20.69 0.52
CA PHE D 64 4.00 20.87 -0.77
C PHE D 64 2.48 20.90 -0.60
N ASN D 65 1.88 22.02 -0.96
CA ASN D 65 0.43 22.14 -1.09
C ASN D 65 0.08 22.16 -2.57
N PRO D 66 -0.55 21.12 -3.11
CA PRO D 66 -0.67 20.98 -4.57
C PRO D 66 -1.79 21.83 -5.15
N THR D 67 -1.63 22.18 -6.43
CA THR D 67 -2.68 22.87 -7.16
C THR D 67 -3.64 21.94 -7.88
N ASP D 68 -3.24 20.71 -8.16
CA ASP D 68 -4.11 19.76 -8.85
C ASP D 68 -3.67 18.35 -8.51
N ALA D 69 -4.24 17.36 -9.20
CA ALA D 69 -3.91 15.96 -9.00
C ALA D 69 -3.39 15.32 -10.28
N ASP D 70 -2.66 16.10 -11.08
CA ASP D 70 -2.05 15.59 -12.30
C ASP D 70 -0.63 16.12 -12.43
N GLY D 71 -0.51 17.42 -12.73
CA GLY D 71 0.81 18.03 -12.78
C GLY D 71 1.51 17.99 -11.44
N SER D 72 0.75 18.19 -10.35
CA SER D 72 1.34 18.16 -9.02
C SER D 72 1.90 16.79 -8.69
N ILE D 73 1.19 15.73 -9.09
CA ILE D 73 1.68 14.38 -8.88
C ILE D 73 2.98 14.16 -9.66
N ALA D 74 3.01 14.59 -10.92
CA ALA D 74 4.23 14.48 -11.71
C ALA D 74 5.36 15.28 -11.09
N ASN D 75 5.05 16.44 -10.51
CA ASN D 75 6.07 17.23 -9.84
C ASN D 75 6.63 16.50 -8.63
N VAL D 76 5.78 15.82 -7.86
CA VAL D 76 6.26 15.04 -6.73
C VAL D 76 7.18 13.94 -7.20
N LYS D 77 6.87 13.34 -8.35
CA LYS D 77 7.71 12.26 -8.87
C LYS D 77 9.11 12.77 -9.22
N ARG D 78 9.21 13.94 -9.87
CA ARG D 78 10.51 14.47 -10.23
C ARG D 78 11.35 14.76 -9.00
N ALA D 79 10.73 15.31 -7.96
CA ALA D 79 11.46 15.54 -6.71
C ALA D 79 11.98 14.23 -6.14
N LYS D 80 11.18 13.15 -6.23
CA LYS D 80 11.62 11.87 -5.70
C LYS D 80 12.79 11.30 -6.50
N GLU D 81 12.75 11.45 -7.83
CA GLU D 81 13.88 11.00 -8.66
C GLU D 81 15.16 11.77 -8.36
N ALA D 82 15.05 12.98 -7.81
CA ALA D 82 16.20 13.78 -7.43
C ALA D 82 16.61 13.58 -5.99
N GLY D 83 15.97 12.65 -5.27
CA GLY D 83 16.30 12.40 -3.89
C GLY D 83 15.76 13.39 -2.88
N ILE D 84 14.71 14.12 -3.23
CA ILE D 84 14.16 15.17 -2.37
C ILE D 84 12.83 14.67 -1.81
N PRO D 85 12.72 14.46 -0.49
CA PRO D 85 11.46 13.98 0.08
C PRO D 85 10.43 15.09 0.11
N VAL D 86 9.17 14.72 -0.15
CA VAL D 86 8.06 15.65 -0.20
C VAL D 86 7.07 15.29 0.90
N PHE D 87 6.56 16.32 1.58
CA PHE D 87 5.54 16.17 2.61
C PHE D 87 4.39 17.08 2.22
N CYS D 88 3.27 16.47 1.85
CA CYS D 88 2.15 17.21 1.28
C CYS D 88 1.19 17.66 2.37
N VAL D 89 0.61 18.85 2.18
CA VAL D 89 -0.31 19.43 3.13
C VAL D 89 -1.51 19.97 2.37
N ASP D 90 -2.71 19.75 2.90
CA ASP D 90 -3.92 20.21 2.23
C ASP D 90 -5.09 20.11 3.21
N ARG D 91 -6.25 20.60 2.77
CA ARG D 91 -7.48 20.43 3.50
C ARG D 91 -8.60 20.15 2.51
N GLY D 92 -9.67 19.55 3.00
CA GLY D 92 -10.82 19.31 2.13
C GLY D 92 -12.04 18.96 2.95
N ILE D 93 -13.14 18.73 2.24
CA ILE D 93 -14.39 18.26 2.83
C ILE D 93 -14.71 16.93 2.15
N ASN D 94 -14.80 15.86 2.95
CA ASN D 94 -15.02 14.54 2.37
C ASN D 94 -16.49 14.29 2.07
N ALA D 95 -16.84 13.02 1.90
CA ALA D 95 -18.22 12.67 1.51
C ALA D 95 -19.22 13.10 2.57
N ARG D 96 -18.88 12.93 3.84
CA ARG D 96 -19.82 13.15 4.94
C ARG D 96 -19.98 14.62 5.30
N GLY D 97 -19.28 15.53 4.63
CA GLY D 97 -19.36 16.93 4.95
C GLY D 97 -18.42 17.40 6.04
N LEU D 98 -17.50 16.55 6.48
CA LEU D 98 -16.56 16.91 7.53
C LEU D 98 -15.28 17.47 6.93
N ALA D 99 -14.88 18.65 7.39
CA ALA D 99 -13.61 19.23 6.96
C ALA D 99 -12.44 18.52 7.63
N VAL D 100 -11.38 18.28 6.87
CA VAL D 100 -10.22 17.54 7.36
C VAL D 100 -8.95 18.17 6.81
N ALA D 101 -7.99 18.43 7.69
CA ALA D 101 -6.67 18.93 7.31
C ALA D 101 -5.69 17.76 7.32
N GLN D 102 -4.88 17.63 6.27
CA GLN D 102 -4.13 16.41 6.01
CA GLN D 102 -4.12 16.41 6.01
C GLN D 102 -2.65 16.70 5.76
N ILE D 103 -1.78 15.85 6.31
CA ILE D 103 -0.38 15.77 5.96
C ILE D 103 -0.14 14.36 5.44
N TYR D 104 0.55 14.23 4.31
CA TYR D 104 0.81 12.90 3.78
C TYR D 104 2.11 12.88 3.00
N SER D 105 2.73 11.71 2.95
CA SER D 105 4.03 11.56 2.32
C SER D 105 4.28 10.09 2.02
N ASP D 106 4.94 9.81 0.90
CA ASP D 106 5.32 8.44 0.60
C ASP D 106 6.60 8.02 1.33
N THR D 107 7.16 8.89 2.17
N THR D 107 7.19 8.92 2.10
CA THR D 107 8.50 8.66 2.71
CA THR D 107 8.22 8.56 3.04
C THR D 107 8.55 7.78 3.94
C THR D 107 7.56 8.18 4.36
N SER D 108 7.44 7.66 4.68
N SER D 108 8.17 7.22 5.05
CA SER D 108 7.51 7.17 6.05
CA SER D 108 7.75 6.78 6.38
C SER D 108 6.56 6.00 6.31
C SER D 108 6.43 6.03 6.36
N THR D 109 6.10 5.34 5.27
CA THR D 109 5.14 4.24 5.40
C THR D 109 5.73 3.10 6.22
N GLN D 110 7.05 2.97 6.25
CA GLN D 110 7.74 1.93 7.00
C GLN D 110 8.17 2.36 8.40
N PHE D 111 7.73 3.53 8.86
CA PHE D 111 8.19 4.11 10.11
C PHE D 111 7.02 4.38 11.06
N PRO D 112 6.41 3.33 11.62
CA PRO D 112 5.27 3.55 12.51
C PRO D 112 5.63 4.33 13.77
N LYS D 113 6.87 4.22 14.25
CA LYS D 113 7.26 4.95 15.45
C LYS D 113 7.23 6.45 15.19
N LEU D 114 7.77 6.89 14.06
CA LEU D 114 7.75 8.30 13.71
C LEU D 114 6.31 8.81 13.55
N MET D 115 5.46 8.03 12.87
CA MET D 115 4.09 8.48 12.66
CA MET D 115 4.08 8.45 12.65
C MET D 115 3.33 8.58 13.98
N ALA D 116 3.47 7.59 14.85
CA ALA D 116 2.79 7.63 16.14
C ALA D 116 3.24 8.82 16.97
N ARG D 117 4.54 9.11 16.95
CA ARG D 117 5.05 10.21 17.77
C ARG D 117 4.55 11.55 17.26
N LEU D 118 4.45 11.71 15.93
CA LEU D 118 3.97 12.98 15.38
C LEU D 118 2.50 13.21 15.72
N ALA D 119 1.67 12.17 15.60
CA ALA D 119 0.25 12.32 15.93
C ALA D 119 0.07 12.74 17.39
N VAL D 120 0.83 12.14 18.29
CA VAL D 120 0.71 12.45 19.71
C VAL D 120 1.24 13.85 19.99
N GLU D 121 2.30 14.26 19.30
CA GLU D 121 2.82 15.61 19.51
C GLU D 121 1.86 16.67 18.97
N TRP D 122 1.13 16.35 17.91
CA TRP D 122 0.09 17.25 17.44
C TRP D 122 -1.01 17.40 18.48
N ALA D 123 -1.49 16.27 19.01
CA ALA D 123 -2.51 16.30 20.06
C ALA D 123 -2.02 17.09 21.28
N ASP D 124 -0.74 16.91 21.64
CA ASP D 124 -0.20 17.61 22.79
C ASP D 124 -0.15 19.12 22.56
N GLN D 125 0.35 19.54 21.40
CA GLN D 125 0.35 20.97 21.09
C GLN D 125 -1.06 21.54 21.08
N TYR D 126 -2.03 20.77 20.59
CA TYR D 126 -3.41 21.23 20.53
C TYR D 126 -3.98 21.42 21.93
N LEU D 127 -3.79 20.44 22.81
CA LEU D 127 -4.34 20.52 24.16
C LEU D 127 -3.67 21.62 24.97
N ARG D 128 -2.36 21.80 24.80
CA ARG D 128 -1.68 22.85 25.56
C ARG D 128 -2.02 24.24 25.04
N GLY D 129 -2.57 24.35 23.84
CA GLY D 129 -2.94 25.63 23.26
C GLY D 129 -4.30 26.12 23.72
#